data_4QN1
#
_entry.id   4QN1
#
_cell.length_a   130.624
_cell.length_b   130.624
_cell.length_c   129.571
_cell.angle_alpha   90.000
_cell.angle_beta   90.000
_cell.angle_gamma   120.000
#
_symmetry.space_group_name_H-M   'P 61 2 2'
#
loop_
_entity.id
_entity.type
_entity.pdbx_description
1 polymer 'E3 ubiquitin-protein ligase SHPRH'
2 non-polymer 'ZINC ION'
3 non-polymer 'SULFATE ION'
4 non-polymer 'UNKNOWN ATOM OR ION'
5 water water
#
_entity_poly.entity_id   1
_entity_poly.type   'polypeptide(L)'
_entity_poly.pdbx_seq_one_letter_code
;GT(MSE)EELLTSLQKKCGTECEEAHRQLVCALNGLAGIHIIKGEYALAAELYREVLRSSEEHKGKLKTDSLQRLHATHN
L(MSE)ELLIARHPGIPPTLRDGRLEEEAKQLREHY(MSE)SKCNTEVAEAQQALYPVQQTIHELQRKIHSNSPWWLNVI
HRAIEFTIDEELVQRVRNEITSNYKQQTGKLS(MSE)SEKFRDCRGLQFLLTTQ(MSE)EELNKCQKLVREAVKNLEGPP
SRNVIESATVCHLRPARLPLNCCVFCKADELFTEYESKLFSNTVKGQTAIFEE(MSE)IEDEEGLVDDRAPTTTRGLWAI
SETERS(MSE)KAILSFAKSHRFDVEFVDEGSTS(MSE)DLFEAWKKEYKLLHEYW(MSE)ALRNRVSAVDELA(MSE)A
TERLRVRDPREPKPNPPVLHIIEPHEVEQNRIKLLNDKAVATSQLQKKLGQLLYLTNLEK
;
_entity_poly.pdbx_strand_id   A
#
# COMPACT_ATOMS: atom_id res chain seq x y z
N GLY A 1 -17.82 -12.54 -29.44
CA GLY A 1 -19.14 -13.10 -29.25
C GLY A 1 -19.53 -13.27 -27.80
N THR A 2 -20.75 -12.82 -27.44
CA THR A 2 -21.30 -12.87 -26.08
C THR A 2 -21.48 -14.31 -25.55
N GLU A 4 -19.25 -17.00 -26.34
CA GLU A 4 -17.90 -17.43 -25.92
C GLU A 4 -17.50 -16.69 -24.65
N GLU A 5 -18.02 -15.44 -24.48
CA GLU A 5 -17.86 -14.60 -23.30
C GLU A 5 -18.62 -15.22 -22.12
N LEU A 6 -19.84 -15.76 -22.36
CA LEU A 6 -20.67 -16.41 -21.34
C LEU A 6 -20.01 -17.69 -20.82
N LEU A 7 -19.51 -18.54 -21.74
CA LEU A 7 -18.83 -19.80 -21.41
C LEU A 7 -17.55 -19.52 -20.59
N THR A 8 -16.81 -18.44 -20.95
CA THR A 8 -15.60 -18.00 -20.26
C THR A 8 -15.97 -17.49 -18.85
N SER A 9 -17.04 -16.68 -18.75
CA SER A 9 -17.54 -16.11 -17.50
C SER A 9 -17.96 -17.24 -16.53
N LEU A 10 -18.70 -18.25 -17.03
CA LEU A 10 -19.16 -19.41 -16.24
C LEU A 10 -17.97 -20.23 -15.77
N GLN A 11 -16.94 -20.40 -16.62
CA GLN A 11 -15.70 -21.14 -16.32
C GLN A 11 -14.84 -20.41 -15.28
N LYS A 12 -14.75 -19.07 -15.37
CA LYS A 12 -13.97 -18.25 -14.43
C LYS A 12 -14.62 -18.24 -13.04
N LYS A 13 -15.95 -18.04 -12.96
CA LYS A 13 -16.70 -18.03 -11.71
C LYS A 13 -16.63 -19.42 -11.02
N CYS A 14 -16.78 -20.51 -11.81
CA CYS A 14 -16.73 -21.89 -11.34
C CYS A 14 -15.32 -22.26 -10.83
N GLY A 15 -14.30 -21.83 -11.56
CA GLY A 15 -12.90 -22.05 -11.21
C GLY A 15 -12.53 -21.37 -9.91
N THR A 16 -13.08 -20.16 -9.68
CA THR A 16 -12.90 -19.36 -8.46
C THR A 16 -13.55 -20.09 -7.28
N GLU A 17 -14.72 -20.72 -7.51
CA GLU A 17 -15.46 -21.49 -6.52
C GLU A 17 -14.66 -22.74 -6.11
N CYS A 18 -13.99 -23.40 -7.09
CA CYS A 18 -13.12 -24.57 -6.86
C CYS A 18 -11.90 -24.14 -6.03
N GLU A 19 -11.33 -22.97 -6.38
CA GLU A 19 -10.18 -22.36 -5.74
C GLU A 19 -10.46 -22.00 -4.26
N GLU A 20 -11.65 -21.44 -3.99
CA GLU A 20 -12.07 -21.06 -2.62
C GLU A 20 -12.33 -22.30 -1.76
N ALA A 21 -12.98 -23.33 -2.32
CA ALA A 21 -13.28 -24.58 -1.64
C ALA A 21 -11.98 -25.32 -1.28
N HIS A 22 -10.98 -25.29 -2.19
CA HIS A 22 -9.68 -25.91 -1.98
C HIS A 22 -8.88 -25.14 -0.91
N ARG A 23 -8.97 -23.79 -0.94
CA ARG A 23 -8.34 -22.89 0.03
C ARG A 23 -8.84 -23.22 1.45
N GLN A 24 -10.18 -23.38 1.60
CA GLN A 24 -10.83 -23.75 2.87
C GLN A 24 -10.40 -25.14 3.36
N LEU A 25 -10.21 -26.10 2.42
CA LEU A 25 -9.78 -27.47 2.72
C LEU A 25 -8.35 -27.49 3.26
N VAL A 26 -7.41 -26.90 2.52
CA VAL A 26 -5.98 -26.78 2.84
C VAL A 26 -5.79 -26.03 4.18
N CYS A 27 -6.60 -24.96 4.40
CA CYS A 27 -6.60 -24.16 5.63
C CYS A 27 -6.97 -25.03 6.84
N ALA A 28 -7.98 -25.92 6.68
CA ALA A 28 -8.44 -26.84 7.73
C ALA A 28 -7.38 -27.90 8.04
N LEU A 29 -6.74 -28.47 6.99
CA LEU A 29 -5.69 -29.47 7.12
C LEU A 29 -4.47 -28.93 7.88
N ASN A 30 -4.05 -27.70 7.57
CA ASN A 30 -2.92 -27.02 8.22
C ASN A 30 -3.18 -26.72 9.69
N GLY A 31 -4.43 -26.35 10.02
CA GLY A 31 -4.87 -26.09 11.38
C GLY A 31 -4.82 -27.35 12.23
N LEU A 32 -5.29 -28.48 11.67
CA LEU A 32 -5.30 -29.79 12.32
C LEU A 32 -3.88 -30.29 12.58
N ALA A 33 -2.95 -30.00 11.66
CA ALA A 33 -1.54 -30.35 11.77
C ALA A 33 -0.88 -29.55 12.93
N GLY A 34 -1.27 -28.28 13.07
CA GLY A 34 -0.78 -27.38 14.12
C GLY A 34 -1.16 -27.80 15.51
N ILE A 35 -2.28 -28.55 15.63
CA ILE A 35 -2.81 -29.10 16.87
C ILE A 35 -2.00 -30.36 17.25
N HIS A 36 -1.71 -31.23 16.25
CA HIS A 36 -0.92 -32.46 16.43
C HIS A 36 0.49 -32.14 16.98
N ILE A 37 1.09 -31.02 16.54
CA ILE A 37 2.41 -30.56 17.01
C ILE A 37 2.30 -30.08 18.47
N ILE A 38 1.20 -29.36 18.81
CA ILE A 38 0.92 -28.86 20.17
C ILE A 38 0.73 -30.04 21.14
N LYS A 39 0.10 -31.13 20.65
CA LYS A 39 -0.13 -32.37 21.40
C LYS A 39 1.17 -33.18 21.52
N GLY A 40 2.05 -33.06 20.53
CA GLY A 40 3.35 -33.74 20.50
C GLY A 40 3.56 -34.69 19.34
N GLU A 41 2.46 -35.24 18.78
CA GLU A 41 2.47 -36.20 17.66
C GLU A 41 2.90 -35.53 16.33
N TYR A 42 4.23 -35.38 16.14
CA TYR A 42 4.86 -34.77 14.97
C TYR A 42 4.63 -35.53 13.67
N ALA A 43 4.47 -36.86 13.74
CA ALA A 43 4.26 -37.73 12.58
C ALA A 43 2.91 -37.51 11.90
N LEU A 44 1.82 -37.39 12.70
CA LEU A 44 0.46 -37.19 12.20
C LEU A 44 0.28 -35.83 11.53
N ALA A 45 1.05 -34.82 11.99
CA ALA A 45 1.08 -33.47 11.45
C ALA A 45 1.77 -33.46 10.09
N ALA A 46 2.89 -34.20 9.97
CA ALA A 46 3.70 -34.34 8.75
C ALA A 46 2.90 -34.93 7.59
N GLU A 47 2.00 -35.89 7.90
CA GLU A 47 1.12 -36.55 6.95
C GLU A 47 0.15 -35.53 6.35
N LEU A 48 -0.40 -34.64 7.20
CA LEU A 48 -1.34 -33.58 6.81
C LEU A 48 -0.67 -32.52 5.93
N TYR A 49 0.59 -32.13 6.26
CA TYR A 49 1.36 -31.16 5.48
C TYR A 49 1.66 -31.73 4.11
N ARG A 50 2.05 -33.04 4.06
CA ARG A 50 2.34 -33.78 2.84
C ARG A 50 1.10 -33.87 1.95
N GLU A 51 -0.09 -34.03 2.57
CA GLU A 51 -1.37 -34.08 1.85
C GLU A 51 -1.71 -32.72 1.24
N VAL A 52 -1.42 -31.61 1.97
CA VAL A 52 -1.63 -30.24 1.49
C VAL A 52 -0.84 -30.03 0.20
N LEU A 53 0.44 -30.44 0.20
CA LEU A 53 1.33 -30.30 -0.94
C LEU A 53 0.92 -31.22 -2.09
N ARG A 54 0.47 -32.45 -1.76
CA ARG A 54 0.01 -33.44 -2.73
C ARG A 54 -1.28 -32.99 -3.43
N SER A 55 -2.28 -32.49 -2.67
CA SER A 55 -3.56 -32.02 -3.17
C SER A 55 -3.39 -30.79 -4.09
N SER A 56 -2.53 -29.83 -3.68
CA SER A 56 -2.26 -28.61 -4.44
C SER A 56 -1.63 -28.93 -5.79
N GLU A 57 -0.71 -29.91 -5.81
CA GLU A 57 -0.02 -30.38 -7.02
C GLU A 57 -0.99 -31.09 -7.98
N GLU A 58 -1.88 -31.95 -7.44
CA GLU A 58 -2.90 -32.69 -8.18
C GLU A 58 -3.88 -31.77 -8.93
N HIS A 59 -4.29 -30.67 -8.27
CA HIS A 59 -5.27 -29.72 -8.79
C HIS A 59 -4.66 -28.46 -9.44
N LYS A 60 -3.31 -28.35 -9.54
CA LYS A 60 -2.58 -27.17 -10.07
C LYS A 60 -3.06 -26.71 -11.48
N GLY A 61 -3.51 -27.64 -12.31
CA GLY A 61 -4.01 -27.36 -13.65
C GLY A 61 -5.38 -26.70 -13.63
N LYS A 62 -6.33 -27.35 -12.93
CA LYS A 62 -7.73 -26.91 -12.77
C LYS A 62 -7.87 -25.64 -11.91
N LEU A 63 -7.10 -25.52 -10.81
CA LEU A 63 -7.19 -24.39 -9.88
C LEU A 63 -5.84 -23.96 -9.27
N LYS A 64 -5.77 -22.70 -8.80
CA LYS A 64 -4.61 -22.12 -8.13
C LYS A 64 -4.73 -22.37 -6.61
N THR A 65 -3.59 -22.56 -5.93
CA THR A 65 -3.58 -22.72 -4.47
C THR A 65 -2.78 -21.56 -3.90
N ASP A 66 -3.32 -20.90 -2.85
CA ASP A 66 -2.66 -19.79 -2.15
C ASP A 66 -1.24 -20.19 -1.78
N SER A 67 -0.27 -19.40 -2.28
CA SER A 67 1.15 -19.64 -2.05
C SER A 67 1.51 -19.66 -0.55
N LEU A 68 0.80 -18.85 0.27
CA LEU A 68 1.02 -18.77 1.72
C LEU A 68 0.63 -20.04 2.45
N GLN A 69 -0.43 -20.70 1.98
CA GLN A 69 -0.93 -21.96 2.54
C GLN A 69 0.04 -23.09 2.21
N ARG A 70 0.61 -23.06 0.98
CA ARG A 70 1.59 -24.04 0.51
C ARG A 70 2.88 -23.81 1.27
N LEU A 71 3.25 -22.52 1.49
CA LEU A 71 4.43 -22.14 2.26
C LEU A 71 4.26 -22.58 3.71
N HIS A 72 3.04 -22.43 4.29
CA HIS A 72 2.74 -22.89 5.65
C HIS A 72 3.07 -24.37 5.78
N ALA A 73 2.55 -25.19 4.86
CA ALA A 73 2.77 -26.64 4.84
C ALA A 73 4.23 -27.02 4.61
N THR A 74 4.89 -26.41 3.59
CA THR A 74 6.29 -26.68 3.23
C THR A 74 7.27 -26.38 4.38
N HIS A 75 7.21 -25.15 4.93
CA HIS A 75 8.08 -24.66 6.00
C HIS A 75 7.95 -25.48 7.29
N ASN A 76 6.71 -25.76 7.72
CA ASN A 76 6.47 -26.50 8.95
C ASN A 76 6.86 -27.98 8.81
N LEU A 77 6.82 -28.52 7.58
CA LEU A 77 7.24 -29.89 7.27
C LEU A 77 8.77 -29.93 7.34
N GLU A 79 10.68 -27.95 9.17
CA GLU A 79 10.99 -27.80 10.60
C GLU A 79 11.03 -29.17 11.28
N LEU A 80 10.10 -30.06 10.90
CA LEU A 80 10.00 -31.42 11.46
C LEU A 80 11.12 -32.34 10.96
N LEU A 81 11.51 -32.18 9.68
CA LEU A 81 12.56 -33.01 9.08
C LEU A 81 13.98 -32.57 9.43
N ILE A 82 14.15 -31.32 9.89
CA ILE A 82 15.44 -30.78 10.28
C ILE A 82 15.77 -31.15 11.72
N ALA A 83 14.75 -31.11 12.61
CA ALA A 83 14.91 -31.37 14.04
C ALA A 83 14.25 -32.68 14.54
N ARG A 84 12.90 -32.79 14.45
CA ARG A 84 12.11 -33.91 14.95
C ARG A 84 12.41 -35.28 14.28
N HIS A 85 13.20 -35.27 13.17
CA HIS A 85 13.66 -36.47 12.46
C HIS A 85 14.58 -37.23 13.43
N PRO A 86 14.62 -38.58 13.48
CA PRO A 86 14.04 -39.60 12.57
C PRO A 86 12.66 -40.14 12.98
N GLY A 87 11.89 -39.36 13.75
CA GLY A 87 10.54 -39.75 14.18
C GLY A 87 9.53 -39.78 13.04
N ILE A 88 9.83 -39.05 11.95
CA ILE A 88 9.00 -38.89 10.75
C ILE A 88 9.59 -39.73 9.59
N PRO A 89 8.77 -40.58 8.89
CA PRO A 89 9.33 -41.37 7.77
C PRO A 89 9.81 -40.51 6.60
N PRO A 90 10.98 -40.84 5.99
CA PRO A 90 11.46 -40.03 4.87
C PRO A 90 10.78 -40.36 3.55
N THR A 91 10.72 -39.38 2.64
CA THR A 91 10.15 -39.53 1.29
C THR A 91 11.14 -38.95 0.29
N LEU A 92 11.02 -39.35 -0.99
CA LEU A 92 11.87 -38.86 -2.08
C LEU A 92 11.60 -37.39 -2.43
N ARG A 93 10.49 -36.82 -1.89
CA ARG A 93 10.05 -35.44 -2.08
C ARG A 93 10.73 -34.45 -1.11
N ASP A 94 11.25 -34.94 0.01
CA ASP A 94 11.88 -34.15 1.09
C ASP A 94 13.03 -33.24 0.64
N GLY A 95 13.75 -33.65 -0.40
CA GLY A 95 14.88 -32.89 -0.95
C GLY A 95 14.50 -31.62 -1.66
N ARG A 96 13.29 -31.59 -2.26
CA ARG A 96 12.73 -30.47 -3.02
C ARG A 96 12.15 -29.34 -2.14
N LEU A 97 11.84 -29.62 -0.87
CA LEU A 97 11.16 -28.71 0.06
C LEU A 97 11.81 -27.33 0.23
N GLU A 98 13.15 -27.28 0.39
CA GLU A 98 13.91 -26.05 0.58
C GLU A 98 13.72 -25.07 -0.58
N GLU A 99 13.91 -25.55 -1.82
CA GLU A 99 13.77 -24.74 -3.03
C GLU A 99 12.32 -24.30 -3.28
N GLU A 100 11.34 -25.17 -2.97
CA GLU A 100 9.93 -24.88 -3.13
C GLU A 100 9.51 -23.73 -2.22
N ALA A 101 9.98 -23.76 -0.94
CA ALA A 101 9.72 -22.73 0.08
C ALA A 101 10.25 -21.35 -0.40
N LYS A 102 11.51 -21.32 -0.89
CA LYS A 102 12.22 -20.15 -1.41
C LYS A 102 11.46 -19.58 -2.61
N GLN A 103 10.97 -20.45 -3.52
CA GLN A 103 10.19 -20.05 -4.70
C GLN A 103 8.84 -19.47 -4.29
N LEU A 104 8.17 -20.05 -3.28
CA LEU A 104 6.88 -19.55 -2.79
C LEU A 104 7.03 -18.15 -2.17
N ARG A 105 8.12 -17.93 -1.42
CA ARG A 105 8.44 -16.65 -0.78
C ARG A 105 8.73 -15.58 -1.83
N GLU A 106 9.53 -15.94 -2.87
CA GLU A 106 9.92 -15.06 -3.98
C GLU A 106 8.69 -14.60 -4.78
N HIS A 107 7.79 -15.56 -5.12
N HIS A 107 7.80 -15.55 -5.12
CA HIS A 107 6.56 -15.30 -5.87
CA HIS A 107 6.57 -15.30 -5.88
C HIS A 107 5.61 -14.38 -5.10
C HIS A 107 5.58 -14.41 -5.12
N TYR A 108 5.48 -14.59 -3.78
CA TYR A 108 4.60 -13.79 -2.93
C TYR A 108 5.08 -12.34 -2.79
N SER A 110 7.17 -10.71 -4.88
CA SER A 110 7.39 -10.11 -6.20
C SER A 110 6.59 -8.81 -6.47
N LYS A 111 5.28 -8.78 -6.17
CA LYS A 111 4.42 -7.62 -6.40
C LYS A 111 4.85 -6.40 -5.59
N CYS A 112 5.02 -6.54 -4.26
CA CYS A 112 5.40 -5.42 -3.39
C CYS A 112 6.80 -4.88 -3.70
N ASN A 113 7.72 -5.73 -4.19
CA ASN A 113 9.07 -5.31 -4.56
C ASN A 113 9.08 -4.53 -5.88
N THR A 114 8.25 -4.95 -6.85
CA THR A 114 8.10 -4.29 -8.16
C THR A 114 7.47 -2.91 -7.95
N GLU A 115 6.48 -2.82 -7.03
CA GLU A 115 5.79 -1.58 -6.71
C GLU A 115 6.70 -0.57 -6.01
N VAL A 116 7.73 -1.04 -5.28
CA VAL A 116 8.72 -0.15 -4.66
C VAL A 116 9.58 0.45 -5.79
N ALA A 117 10.09 -0.42 -6.69
CA ALA A 117 10.91 -0.04 -7.85
C ALA A 117 10.18 0.90 -8.81
N GLU A 118 8.90 0.63 -9.10
CA GLU A 118 8.09 1.45 -10.00
C GLU A 118 7.74 2.81 -9.40
N ALA A 119 7.42 2.86 -8.08
CA ALA A 119 7.09 4.11 -7.38
C ALA A 119 8.29 5.03 -7.27
N GLN A 120 9.49 4.45 -7.07
CA GLN A 120 10.76 5.18 -6.99
C GLN A 120 11.07 5.83 -8.35
N GLN A 121 10.99 5.05 -9.44
CA GLN A 121 11.27 5.50 -10.81
C GLN A 121 10.27 6.56 -11.29
N ALA A 122 8.99 6.44 -10.89
CA ALA A 122 7.92 7.35 -11.29
C ALA A 122 8.12 8.79 -10.84
N LEU A 123 8.97 9.02 -9.82
CA LEU A 123 9.24 10.32 -9.25
C LEU A 123 10.24 11.18 -10.04
N TYR A 124 11.19 10.56 -10.76
CA TYR A 124 12.24 11.27 -11.51
C TYR A 124 11.72 12.34 -12.52
N PRO A 125 10.72 12.06 -13.43
CA PRO A 125 10.30 13.10 -14.38
C PRO A 125 9.78 14.40 -13.73
N VAL A 126 8.88 14.28 -12.72
CA VAL A 126 8.31 15.44 -12.04
C VAL A 126 9.39 16.21 -11.25
N GLN A 127 10.37 15.51 -10.67
CA GLN A 127 11.43 16.13 -9.89
C GLN A 127 12.40 16.90 -10.79
N GLN A 128 12.63 16.41 -12.02
CA GLN A 128 13.47 17.12 -13.00
C GLN A 128 12.71 18.39 -13.47
N THR A 129 11.37 18.27 -13.64
CA THR A 129 10.49 19.37 -14.03
C THR A 129 10.60 20.49 -12.98
N ILE A 130 10.47 20.13 -11.68
CA ILE A 130 10.56 21.04 -10.53
C ILE A 130 11.90 21.79 -10.54
N HIS A 131 13.01 21.10 -10.85
CA HIS A 131 14.36 21.70 -10.94
C HIS A 131 14.48 22.66 -12.11
N GLU A 132 13.84 22.33 -13.26
CA GLU A 132 13.84 23.17 -14.46
C GLU A 132 13.00 24.43 -14.19
N LEU A 133 11.81 24.26 -13.58
CA LEU A 133 10.87 25.35 -13.28
C LEU A 133 11.42 26.36 -12.27
N GLN A 134 12.12 25.87 -11.21
CA GLN A 134 12.70 26.73 -10.18
C GLN A 134 13.88 27.58 -10.69
N ARG A 135 14.51 27.17 -11.80
CA ARG A 135 15.60 27.92 -12.43
C ARG A 135 15.05 29.19 -13.10
N LYS A 136 13.79 29.11 -13.61
CA LYS A 136 13.06 30.19 -14.29
C LYS A 136 12.37 31.19 -13.34
N ILE A 137 12.29 30.89 -12.02
CA ILE A 137 11.62 31.76 -11.03
C ILE A 137 12.65 32.46 -10.13
N HIS A 138 12.46 33.79 -9.92
CA HIS A 138 13.29 34.63 -9.07
C HIS A 138 12.89 34.42 -7.60
N SER A 139 13.86 34.04 -6.76
CA SER A 139 13.66 33.71 -5.34
C SER A 139 13.62 34.94 -4.43
N ASN A 140 14.54 35.90 -4.62
CA ASN A 140 14.67 37.09 -3.78
C ASN A 140 13.53 38.08 -3.99
N SER A 141 13.27 38.47 -5.26
CA SER A 141 12.19 39.39 -5.62
C SER A 141 11.24 38.66 -6.57
N PRO A 142 10.27 37.87 -6.04
CA PRO A 142 9.35 37.13 -6.92
C PRO A 142 8.38 38.04 -7.67
N TRP A 143 7.94 37.60 -8.85
CA TRP A 143 6.99 38.28 -9.75
C TRP A 143 5.80 38.91 -9.01
N TRP A 144 5.13 38.13 -8.13
CA TRP A 144 3.94 38.52 -7.39
C TRP A 144 4.20 39.63 -6.38
N LEU A 145 5.42 39.68 -5.83
CA LEU A 145 5.83 40.71 -4.87
C LEU A 145 5.95 42.05 -5.62
N ASN A 146 6.53 42.00 -6.83
CA ASN A 146 6.73 43.16 -7.67
C ASN A 146 5.40 43.65 -8.29
N VAL A 147 4.42 42.73 -8.51
CA VAL A 147 3.09 43.09 -9.02
C VAL A 147 2.34 43.86 -7.91
N ILE A 148 2.38 43.34 -6.66
CA ILE A 148 1.76 43.95 -5.47
C ILE A 148 2.36 45.34 -5.25
N HIS A 149 3.70 45.43 -5.29
CA HIS A 149 4.50 46.64 -5.11
C HIS A 149 4.07 47.75 -6.07
N ARG A 150 4.03 47.45 -7.39
CA ARG A 150 3.62 48.40 -8.42
C ARG A 150 2.12 48.76 -8.29
N ALA A 151 1.29 47.81 -7.82
CA ALA A 151 -0.14 48.06 -7.62
C ALA A 151 -0.36 49.09 -6.51
N ILE A 152 0.42 49.01 -5.41
CA ILE A 152 0.37 49.95 -4.29
C ILE A 152 0.86 51.33 -4.76
N GLU A 153 1.95 51.34 -5.54
CA GLU A 153 2.58 52.53 -6.13
C GLU A 153 1.59 53.36 -6.98
N PHE A 154 0.80 52.70 -7.84
CA PHE A 154 -0.16 53.37 -8.73
C PHE A 154 -1.56 53.38 -8.16
N THR A 155 -1.73 52.90 -6.90
CA THR A 155 -2.98 52.83 -6.12
C THR A 155 -4.06 52.02 -6.86
N ILE A 156 -3.67 50.89 -7.44
CA ILE A 156 -4.60 49.96 -8.11
C ILE A 156 -4.62 48.66 -7.29
N ASP A 157 -4.10 48.76 -6.05
CA ASP A 157 -3.99 47.67 -5.07
C ASP A 157 -5.35 47.20 -4.54
N GLU A 158 -6.34 48.12 -4.43
CA GLU A 158 -7.69 47.80 -3.97
C GLU A 158 -8.39 46.84 -4.95
N GLU A 159 -8.21 47.08 -6.26
CA GLU A 159 -8.76 46.23 -7.32
C GLU A 159 -8.15 44.83 -7.20
N LEU A 160 -6.82 44.76 -6.96
CA LEU A 160 -6.08 43.52 -6.76
C LEU A 160 -6.58 42.73 -5.54
N VAL A 161 -6.74 43.39 -4.38
CA VAL A 161 -7.22 42.78 -3.13
C VAL A 161 -8.64 42.23 -3.33
N GLN A 162 -9.52 42.99 -3.99
CA GLN A 162 -10.89 42.58 -4.29
C GLN A 162 -10.90 41.37 -5.22
N ARG A 163 -10.06 41.37 -6.27
CA ARG A 163 -9.93 40.26 -7.23
C ARG A 163 -9.39 38.99 -6.55
N VAL A 164 -8.45 39.14 -5.59
CA VAL A 164 -7.87 38.02 -4.82
C VAL A 164 -8.95 37.45 -3.87
N ARG A 165 -9.72 38.33 -3.22
CA ARG A 165 -10.81 37.96 -2.31
C ARG A 165 -11.95 37.24 -3.03
N ASN A 166 -12.33 37.70 -4.23
CA ASN A 166 -13.38 37.08 -5.06
C ASN A 166 -12.98 35.69 -5.53
N GLU A 167 -11.69 35.46 -5.78
CA GLU A 167 -11.15 34.17 -6.21
C GLU A 167 -11.14 33.17 -5.03
N ILE A 168 -10.92 33.66 -3.79
CA ILE A 168 -10.91 32.83 -2.57
C ILE A 168 -12.35 32.36 -2.28
N THR A 169 -13.34 33.28 -2.33
CA THR A 169 -14.75 33.00 -2.08
C THR A 169 -15.44 32.49 -3.38
N SER A 170 -14.96 31.33 -3.90
CA SER A 170 -15.48 30.68 -5.10
C SER A 170 -15.22 29.17 -5.10
N SER A 182 -9.15 34.74 4.18
CA SER A 182 -9.40 36.04 3.55
C SER A 182 -9.47 37.12 4.65
N GLU A 183 -9.85 36.71 5.87
CA GLU A 183 -9.96 37.56 7.07
C GLU A 183 -8.61 37.79 7.75
N LYS A 184 -7.55 37.10 7.28
CA LYS A 184 -6.19 37.21 7.81
C LYS A 184 -5.47 38.47 7.28
N PHE A 185 -5.98 39.07 6.19
CA PHE A 185 -5.41 40.29 5.59
C PHE A 185 -6.48 41.34 5.33
N ARG A 186 -6.15 42.62 5.62
CA ARG A 186 -7.05 43.74 5.41
C ARG A 186 -6.73 44.51 4.13
N ASP A 187 -5.42 44.69 3.85
CA ASP A 187 -4.94 45.42 2.66
C ASP A 187 -3.93 44.59 1.86
N CYS A 188 -3.39 45.19 0.78
CA CYS A 188 -2.41 44.60 -0.13
C CYS A 188 -1.08 44.28 0.53
N ARG A 189 -0.67 45.07 1.54
CA ARG A 189 0.56 44.86 2.28
C ARG A 189 0.39 43.66 3.23
N GLY A 190 -0.83 43.50 3.75
CA GLY A 190 -1.22 42.39 4.62
C GLY A 190 -1.27 41.08 3.86
N LEU A 191 -1.64 41.15 2.57
CA LEU A 191 -1.69 40.01 1.65
C LEU A 191 -0.23 39.60 1.31
N GLN A 192 0.62 40.59 1.02
CA GLN A 192 2.04 40.45 0.69
C GLN A 192 2.81 39.65 1.76
N PHE A 193 2.60 39.97 3.04
CA PHE A 193 3.28 39.29 4.14
C PHE A 193 2.70 37.91 4.40
N LEU A 194 1.37 37.77 4.26
CA LEU A 194 0.64 36.51 4.42
C LEU A 194 1.09 35.49 3.36
N LEU A 195 1.30 35.95 2.11
CA LEU A 195 1.75 35.10 1.01
C LEU A 195 3.20 34.67 1.19
N THR A 196 4.05 35.54 1.77
CA THR A 196 5.46 35.27 2.05
C THR A 196 5.57 34.10 3.03
N THR A 197 4.78 34.16 4.12
CA THR A 197 4.71 33.14 5.17
C THR A 197 4.19 31.81 4.60
N GLN A 198 3.14 31.87 3.75
CA GLN A 198 2.53 30.69 3.14
C GLN A 198 3.47 29.99 2.16
N GLU A 200 6.88 30.22 2.31
CA GLU A 200 7.95 29.73 3.18
C GLU A 200 7.51 28.44 3.87
N GLU A 201 6.22 28.37 4.30
CA GLU A 201 5.62 27.20 4.93
C GLU A 201 5.61 26.02 3.96
N LEU A 202 5.10 26.26 2.71
CA LEU A 202 5.07 25.24 1.66
C LEU A 202 6.45 24.66 1.41
N ASN A 203 7.47 25.54 1.28
N ASN A 203 7.49 25.54 1.28
CA ASN A 203 8.87 25.16 1.04
CA ASN A 203 8.88 25.15 1.05
C ASN A 203 9.43 24.31 2.19
C ASN A 203 9.41 24.28 2.19
N LYS A 204 9.06 24.62 3.45
CA LYS A 204 9.47 23.88 4.65
C LYS A 204 8.77 22.52 4.69
N CYS A 205 7.47 22.48 4.32
CA CYS A 205 6.65 21.26 4.23
C CYS A 205 7.25 20.32 3.18
N GLN A 206 7.68 20.88 2.02
CA GLN A 206 8.30 20.13 0.92
C GLN A 206 9.60 19.45 1.34
N LYS A 207 10.54 20.24 1.94
CA LYS A 207 11.83 19.73 2.41
C LYS A 207 11.68 18.55 3.36
N LEU A 208 10.76 18.68 4.35
CA LEU A 208 10.48 17.68 5.37
C LEU A 208 9.84 16.41 4.85
N VAL A 209 8.84 16.52 3.96
CA VAL A 209 8.14 15.37 3.38
C VAL A 209 9.13 14.56 2.51
N ARG A 210 9.94 15.25 1.69
CA ARG A 210 10.97 14.62 0.86
C ARG A 210 11.99 13.87 1.72
N GLU A 211 12.42 14.49 2.84
CA GLU A 211 13.38 13.88 3.79
C GLU A 211 12.76 12.70 4.51
N ALA A 212 11.47 12.79 4.86
CA ALA A 212 10.71 11.73 5.52
C ALA A 212 10.64 10.49 4.63
N VAL A 213 10.43 10.68 3.31
CA VAL A 213 10.37 9.61 2.31
C VAL A 213 11.76 8.99 2.14
N LYS A 214 12.78 9.86 1.96
CA LYS A 214 14.20 9.48 1.78
C LYS A 214 14.68 8.56 2.90
N ASN A 215 14.27 8.84 4.15
CA ASN A 215 14.67 8.08 5.34
C ASN A 215 13.83 6.81 5.58
N LEU A 216 12.89 6.49 4.66
CA LEU A 216 12.08 5.26 4.72
C LEU A 216 12.52 4.28 3.63
N GLU A 217 13.39 4.73 2.70
CA GLU A 217 13.91 3.97 1.57
C GLU A 217 14.86 2.87 2.03
N GLY A 218 14.95 1.84 1.21
CA GLY A 218 15.83 0.72 1.46
C GLY A 218 15.21 -0.34 2.34
N PRO A 219 15.63 -1.63 2.19
CA PRO A 219 15.09 -2.71 3.04
C PRO A 219 15.22 -2.36 4.52
N PRO A 220 14.08 -2.16 5.23
CA PRO A 220 14.16 -1.67 6.61
C PRO A 220 14.66 -2.70 7.63
N SER A 221 15.26 -2.18 8.73
CA SER A 221 15.81 -2.95 9.84
C SER A 221 14.72 -3.65 10.65
N ARG A 222 15.11 -4.62 11.50
CA ARG A 222 14.20 -5.38 12.35
C ARG A 222 13.45 -4.51 13.35
N ASN A 223 14.11 -3.47 13.87
CA ASN A 223 13.52 -2.51 14.80
C ASN A 223 12.35 -1.76 14.11
N VAL A 224 12.46 -1.52 12.80
CA VAL A 224 11.44 -0.85 11.99
C VAL A 224 10.28 -1.82 11.68
N ILE A 225 10.59 -3.08 11.28
CA ILE A 225 9.58 -4.10 10.97
C ILE A 225 8.71 -4.36 12.20
N GLU A 226 9.35 -4.62 13.36
CA GLU A 226 8.68 -4.91 14.62
C GLU A 226 7.87 -3.72 15.13
N SER A 227 8.43 -2.50 15.00
CA SER A 227 7.77 -1.26 15.42
C SER A 227 6.49 -1.01 14.61
N ALA A 228 6.53 -1.25 13.28
CA ALA A 228 5.37 -1.07 12.40
C ALA A 228 4.30 -2.12 12.66
N THR A 229 4.72 -3.31 13.08
CA THR A 229 3.85 -4.45 13.39
C THR A 229 3.02 -4.18 14.66
N VAL A 230 3.68 -3.72 15.73
CA VAL A 230 3.01 -3.42 17.01
C VAL A 230 2.25 -2.09 16.93
N CYS A 231 2.52 -1.27 15.91
CA CYS A 231 1.89 0.03 15.71
C CYS A 231 0.59 -0.04 14.90
N HIS A 232 0.62 -0.65 13.69
CA HIS A 232 -0.56 -0.63 12.83
C HIS A 232 -0.89 -1.95 12.11
N LEU A 233 -0.06 -2.99 12.27
CA LEU A 233 -0.35 -4.26 11.60
C LEU A 233 -1.07 -5.20 12.54
N ARG A 234 -0.43 -5.57 13.65
CA ARG A 234 -1.01 -6.44 14.68
C ARG A 234 -0.84 -5.75 16.06
N PRO A 235 -1.55 -4.61 16.32
CA PRO A 235 -1.39 -3.94 17.63
C PRO A 235 -2.09 -4.70 18.76
N ALA A 236 -1.58 -4.53 20.00
CA ALA A 236 -2.11 -5.14 21.22
C ALA A 236 -3.60 -4.83 21.42
N ARG A 237 -4.01 -3.59 21.09
CA ARG A 237 -5.38 -3.13 21.16
C ARG A 237 -5.71 -2.27 19.92
N LEU A 238 -5.70 -0.93 20.06
CA LEU A 238 -5.98 0.02 18.98
C LEU A 238 -4.66 0.44 18.27
N PRO A 239 -4.70 0.91 16.99
CA PRO A 239 -3.44 1.31 16.31
C PRO A 239 -2.73 2.46 17.03
N LEU A 240 -1.42 2.28 17.32
CA LEU A 240 -0.57 3.22 18.05
C LEU A 240 -0.27 4.53 17.32
N ASN A 241 -0.05 4.48 15.98
CA ASN A 241 0.28 5.60 15.10
C ASN A 241 1.56 6.35 15.58
N CYS A 242 2.63 5.57 15.88
CA CYS A 242 3.90 6.08 16.39
C CYS A 242 5.11 5.59 15.58
N CYS A 243 4.93 4.60 14.67
CA CYS A 243 6.04 4.10 13.86
C CYS A 243 6.48 5.15 12.83
N VAL A 244 7.68 4.95 12.25
CA VAL A 244 8.31 5.85 11.27
C VAL A 244 7.41 6.16 10.07
N PHE A 245 6.59 5.18 9.64
CA PHE A 245 5.64 5.34 8.52
C PHE A 245 4.46 6.22 8.91
N CYS A 246 3.91 6.02 10.13
CA CYS A 246 2.79 6.80 10.64
C CYS A 246 3.18 8.26 10.90
N LYS A 247 4.41 8.48 11.43
CA LYS A 247 4.97 9.81 11.68
C LYS A 247 5.13 10.57 10.36
N ALA A 248 5.62 9.87 9.31
CA ALA A 248 5.80 10.41 7.95
C ALA A 248 4.45 10.80 7.34
N ASP A 249 3.39 9.98 7.56
CA ASP A 249 2.05 10.24 7.06
C ASP A 249 1.44 11.49 7.71
N GLU A 250 1.79 11.77 8.99
CA GLU A 250 1.35 12.97 9.71
C GLU A 250 1.94 14.22 9.06
N LEU A 251 3.19 14.11 8.52
CA LEU A 251 3.85 15.21 7.81
C LEU A 251 3.18 15.40 6.44
N PHE A 252 2.81 14.29 5.75
CA PHE A 252 2.11 14.32 4.47
C PHE A 252 0.80 15.07 4.60
N THR A 253 0.02 14.77 5.66
CA THR A 253 -1.27 15.38 5.98
C THR A 253 -1.11 16.88 6.18
N GLU A 254 -0.05 17.30 6.89
CA GLU A 254 0.29 18.68 7.17
C GLU A 254 0.60 19.44 5.89
N TYR A 255 1.38 18.82 4.97
CA TYR A 255 1.72 19.41 3.67
C TYR A 255 0.47 19.46 2.76
N GLU A 256 -0.38 18.42 2.78
CA GLU A 256 -1.63 18.34 2.00
C GLU A 256 -2.59 19.48 2.35
N SER A 257 -2.69 19.82 3.66
CA SER A 257 -3.56 20.89 4.18
C SER A 257 -3.13 22.28 3.69
N LYS A 258 -1.88 22.42 3.22
CA LYS A 258 -1.33 23.66 2.71
C LYS A 258 -1.25 23.70 1.18
N LEU A 259 -1.10 22.52 0.54
CA LEU A 259 -1.04 22.39 -0.91
C LEU A 259 -2.43 22.30 -1.54
N PHE A 260 -3.43 21.85 -0.78
CA PHE A 260 -4.82 21.71 -1.22
C PHE A 260 -5.75 22.38 -0.18
N SER A 261 -7.05 22.47 -0.47
CA SER A 261 -8.02 23.05 0.47
C SER A 261 -8.89 21.97 1.10
N ASN A 262 -9.30 22.18 2.37
CA ASN A 262 -10.16 21.24 3.09
C ASN A 262 -11.59 21.32 2.55
N THR A 263 -12.13 20.16 2.10
CA THR A 263 -13.49 19.96 1.52
C THR A 263 -13.73 20.87 0.32
N LEU A 293 -7.42 14.82 -2.08
CA LEU A 293 -6.48 15.74 -2.73
C LEU A 293 -6.96 16.09 -4.15
N TRP A 294 -7.77 17.18 -4.27
CA TRP A 294 -8.33 17.62 -5.56
C TRP A 294 -8.47 19.16 -5.69
N ALA A 295 -9.06 19.83 -4.67
CA ALA A 295 -9.32 21.28 -4.69
C ALA A 295 -8.09 22.13 -4.33
N ILE A 296 -7.88 23.19 -5.13
CA ILE A 296 -6.81 24.20 -5.08
C ILE A 296 -6.76 24.92 -3.73
N SER A 297 -5.53 25.15 -3.20
CA SER A 297 -5.31 25.88 -1.95
C SER A 297 -5.58 27.38 -2.13
N GLU A 298 -5.73 28.11 -1.02
CA GLU A 298 -5.99 29.56 -1.04
C GLU A 298 -4.76 30.34 -1.54
N THR A 299 -3.54 29.81 -1.31
CA THR A 299 -2.27 30.41 -1.76
C THR A 299 -2.26 30.44 -3.30
N GLU A 300 -2.47 29.26 -3.95
CA GLU A 300 -2.51 29.10 -5.41
C GLU A 300 -3.63 29.95 -6.03
N ARG A 301 -4.81 30.05 -5.37
CA ARG A 301 -5.94 30.86 -5.81
C ARG A 301 -5.57 32.34 -5.84
N SER A 302 -4.87 32.82 -4.79
CA SER A 302 -4.38 34.20 -4.67
C SER A 302 -3.34 34.48 -5.75
N LYS A 304 -3.04 32.87 -8.66
CA LYS A 304 -3.77 32.82 -9.93
C LYS A 304 -4.44 34.18 -10.20
N ALA A 305 -5.03 34.78 -9.15
CA ALA A 305 -5.70 36.09 -9.24
C ALA A 305 -4.69 37.22 -9.46
N ILE A 306 -3.49 37.14 -8.84
CA ILE A 306 -2.43 38.14 -9.01
C ILE A 306 -1.92 38.10 -10.46
N LEU A 307 -1.76 36.89 -11.02
CA LEU A 307 -1.34 36.70 -12.41
C LEU A 307 -2.41 37.25 -13.36
N SER A 308 -3.70 37.00 -13.05
CA SER A 308 -4.84 37.48 -13.82
C SER A 308 -4.87 39.01 -13.86
N PHE A 309 -4.62 39.65 -12.69
CA PHE A 309 -4.54 41.11 -12.53
C PHE A 309 -3.38 41.66 -13.34
N ALA A 310 -2.21 40.98 -13.32
CA ALA A 310 -1.02 41.37 -14.07
C ALA A 310 -1.29 41.37 -15.58
N LYS A 311 -2.06 40.37 -16.08
CA LYS A 311 -2.43 40.27 -17.49
C LYS A 311 -3.39 41.39 -17.90
N SER A 312 -4.42 41.70 -17.06
CA SER A 312 -5.42 42.76 -17.27
C SER A 312 -4.76 44.13 -17.31
N HIS A 313 -3.79 44.39 -16.42
CA HIS A 313 -3.10 45.66 -16.34
C HIS A 313 -1.90 45.73 -17.27
N ARG A 314 -1.74 44.72 -18.15
CA ARG A 314 -0.72 44.61 -19.20
C ARG A 314 0.71 44.87 -18.69
N PHE A 315 1.09 44.18 -17.60
CA PHE A 315 2.42 44.23 -17.00
C PHE A 315 3.46 43.63 -17.97
N ASP A 316 4.76 43.91 -17.74
CA ASP A 316 5.86 43.40 -18.57
C ASP A 316 5.75 41.89 -18.71
N VAL A 317 6.04 41.38 -19.92
CA VAL A 317 5.97 39.96 -20.28
C VAL A 317 6.78 39.07 -19.29
N GLU A 318 7.85 39.63 -18.65
CA GLU A 318 8.70 38.95 -17.67
C GLU A 318 7.89 38.50 -16.46
N PHE A 319 7.01 39.39 -15.94
CA PHE A 319 6.14 39.11 -14.79
C PHE A 319 5.10 38.05 -15.11
N VAL A 320 4.51 38.13 -16.31
CA VAL A 320 3.49 37.20 -16.79
C VAL A 320 4.11 35.81 -17.00
N ASP A 321 5.31 35.75 -17.62
CA ASP A 321 6.05 34.51 -17.86
C ASP A 321 6.40 33.79 -16.56
N GLU A 322 6.96 34.54 -15.57
CA GLU A 322 7.33 34.05 -14.24
C GLU A 322 6.10 33.56 -13.46
N GLY A 323 4.98 34.28 -13.62
CA GLY A 323 3.71 33.95 -13.00
C GLY A 323 3.16 32.64 -13.51
N SER A 324 3.26 32.44 -14.84
CA SER A 324 2.86 31.25 -15.57
C SER A 324 3.71 30.05 -15.15
N THR A 325 5.03 30.27 -14.95
CA THR A 325 5.99 29.27 -14.49
C THR A 325 5.63 28.84 -13.06
N SER A 326 5.22 29.80 -12.20
CA SER A 326 4.77 29.53 -10.83
C SER A 326 3.52 28.66 -10.82
N ASP A 328 2.78 26.44 -13.20
CA ASP A 328 3.31 25.13 -13.63
C ASP A 328 3.97 24.43 -12.44
N LEU A 329 4.64 25.21 -11.56
CA LEU A 329 5.32 24.73 -10.35
C LEU A 329 4.31 24.18 -9.33
N PHE A 330 3.18 24.89 -9.12
CA PHE A 330 2.10 24.44 -8.23
C PHE A 330 1.53 23.11 -8.76
N GLU A 331 1.37 22.99 -10.09
CA GLU A 331 0.89 21.79 -10.78
C GLU A 331 1.88 20.62 -10.55
N ALA A 332 3.19 20.89 -10.71
CA ALA A 332 4.27 19.93 -10.51
C ALA A 332 4.33 19.47 -9.04
N TRP A 333 4.12 20.39 -8.08
CA TRP A 333 4.11 20.09 -6.65
C TRP A 333 2.98 19.14 -6.27
N LYS A 334 1.81 19.30 -6.90
CA LYS A 334 0.64 18.46 -6.66
C LYS A 334 0.89 17.05 -7.22
N LYS A 335 1.51 16.96 -8.41
CA LYS A 335 1.88 15.69 -9.06
C LYS A 335 2.95 14.99 -8.18
N GLU A 336 3.95 15.75 -7.70
CA GLU A 336 5.00 15.25 -6.81
C GLU A 336 4.43 14.74 -5.49
N TYR A 337 3.42 15.43 -4.91
CA TYR A 337 2.77 15.02 -3.66
C TYR A 337 2.19 13.60 -3.81
N LYS A 338 1.35 13.40 -4.84
CA LYS A 338 0.68 12.13 -5.16
C LYS A 338 1.72 11.00 -5.34
N LEU A 339 2.79 11.26 -6.13
CA LEU A 339 3.84 10.29 -6.40
C LEU A 339 4.71 10.00 -5.16
N LEU A 340 4.91 11.01 -4.29
CA LEU A 340 5.64 10.86 -3.03
C LEU A 340 4.83 10.00 -2.08
N HIS A 341 3.49 10.21 -2.03
CA HIS A 341 2.60 9.44 -1.15
C HIS A 341 2.47 7.99 -1.62
N GLU A 342 2.47 7.76 -2.94
CA GLU A 342 2.41 6.42 -3.53
C GLU A 342 3.69 5.65 -3.24
N TYR A 343 4.85 6.35 -3.27
CA TYR A 343 6.15 5.78 -2.94
C TYR A 343 6.19 5.41 -1.45
N TRP A 344 5.65 6.29 -0.58
CA TRP A 344 5.50 6.05 0.87
C TRP A 344 4.65 4.77 1.08
N ALA A 346 4.06 2.22 -1.13
CA ALA A 346 4.80 1.06 -1.65
C ALA A 346 5.80 0.53 -0.62
N LEU A 347 6.51 1.44 0.08
CA LEU A 347 7.47 1.09 1.13
C LEU A 347 6.77 0.55 2.37
N ARG A 348 5.58 1.10 2.69
CA ARG A 348 4.74 0.68 3.81
C ARG A 348 4.19 -0.73 3.56
N ASN A 349 3.73 -0.97 2.31
CA ASN A 349 3.19 -2.24 1.85
C ASN A 349 4.20 -3.37 1.86
N ARG A 350 5.50 -3.05 1.60
CA ARG A 350 6.59 -4.04 1.61
C ARG A 350 6.77 -4.60 3.02
N VAL A 351 6.69 -3.74 4.05
CA VAL A 351 6.79 -4.08 5.47
C VAL A 351 5.60 -4.96 5.86
N SER A 352 4.39 -4.60 5.36
CA SER A 352 3.14 -5.34 5.59
C SER A 352 3.25 -6.74 5.00
N ALA A 353 3.77 -6.86 3.76
CA ALA A 353 3.96 -8.13 3.05
C ALA A 353 4.94 -9.06 3.77
N VAL A 354 6.04 -8.52 4.35
CA VAL A 354 7.05 -9.30 5.09
C VAL A 354 6.42 -9.90 6.34
N ASP A 355 5.52 -9.14 7.00
CA ASP A 355 4.78 -9.59 8.17
C ASP A 355 3.79 -10.69 7.76
N GLU A 356 3.16 -10.56 6.58
CA GLU A 356 2.23 -11.53 6.03
C GLU A 356 2.94 -12.88 5.80
N LEU A 357 4.20 -12.84 5.32
CA LEU A 357 5.06 -14.01 5.11
C LEU A 357 5.35 -14.70 6.45
N ALA A 358 5.76 -13.92 7.47
CA ALA A 358 6.10 -14.41 8.81
C ALA A 358 4.88 -15.07 9.47
N ALA A 360 2.24 -16.32 7.85
CA ALA A 360 1.84 -17.47 7.03
C ALA A 360 2.44 -18.79 7.52
N THR A 361 3.67 -18.75 8.06
CA THR A 361 4.37 -19.94 8.55
C THR A 361 4.12 -20.20 10.04
N GLU A 362 3.60 -19.20 10.76
CA GLU A 362 3.30 -19.27 12.20
C GLU A 362 2.18 -20.29 12.48
N ARG A 363 2.39 -21.14 13.49
CA ARG A 363 1.45 -22.19 13.88
C ARG A 363 0.62 -21.82 15.11
N LEU A 364 -0.50 -22.55 15.30
CA LEU A 364 -1.41 -22.38 16.44
C LEU A 364 -0.68 -22.73 17.73
N ARG A 365 -0.64 -21.78 18.68
CA ARG A 365 0.01 -21.96 19.98
C ARG A 365 -0.97 -21.67 21.10
N VAL A 366 -1.03 -22.57 22.09
CA VAL A 366 -1.90 -22.45 23.27
C VAL A 366 -1.39 -21.30 24.14
N ARG A 367 -2.25 -20.29 24.38
CA ARG A 367 -1.96 -19.07 25.15
C ARG A 367 -1.47 -19.37 26.57
N ASP A 368 -0.36 -18.73 26.97
CA ASP A 368 0.25 -18.86 28.29
C ASP A 368 -0.07 -17.64 29.16
N PRO A 369 -0.34 -17.82 30.49
CA PRO A 369 -0.68 -16.64 31.33
C PRO A 369 0.49 -15.68 31.54
N LEU A 379 -6.05 -14.63 15.73
CA LEU A 379 -4.79 -15.04 15.10
C LEU A 379 -4.49 -16.54 15.36
N HIS A 380 -3.19 -16.93 15.31
CA HIS A 380 -2.72 -18.30 15.54
C HIS A 380 -2.60 -18.57 17.05
N ILE A 381 -3.67 -18.25 17.80
CA ILE A 381 -3.72 -18.42 19.26
C ILE A 381 -5.02 -19.14 19.67
N ILE A 382 -4.89 -20.12 20.59
CA ILE A 382 -5.99 -20.91 21.13
C ILE A 382 -5.99 -20.73 22.66
N GLU A 383 -7.20 -20.57 23.25
CA GLU A 383 -7.38 -20.45 24.70
C GLU A 383 -6.93 -21.75 25.43
N PRO A 384 -6.46 -21.68 26.71
CA PRO A 384 -5.96 -22.90 27.39
C PRO A 384 -6.77 -24.19 27.27
N HIS A 385 -8.12 -24.11 27.24
CA HIS A 385 -8.97 -25.31 27.17
C HIS A 385 -9.88 -25.35 25.91
N GLU A 386 -9.56 -24.53 24.89
CA GLU A 386 -10.31 -24.48 23.63
C GLU A 386 -9.66 -25.32 22.53
N VAL A 387 -8.60 -26.11 22.87
CA VAL A 387 -7.85 -26.98 21.97
C VAL A 387 -8.77 -28.03 21.28
N GLU A 388 -9.72 -28.63 22.04
CA GLU A 388 -10.69 -29.60 21.53
C GLU A 388 -11.77 -28.90 20.69
N GLN A 389 -12.14 -27.66 21.07
CA GLN A 389 -13.13 -26.84 20.38
C GLN A 389 -12.61 -26.42 19.00
N ASN A 390 -11.30 -26.13 18.91
CA ASN A 390 -10.63 -25.73 17.67
C ASN A 390 -10.50 -26.93 16.73
N ARG A 391 -10.12 -28.11 17.27
CA ARG A 391 -9.97 -29.37 16.53
C ARG A 391 -11.30 -29.78 15.89
N ILE A 392 -12.41 -29.67 16.64
CA ILE A 392 -13.76 -29.99 16.19
C ILE A 392 -14.22 -29.06 15.06
N LYS A 393 -14.01 -27.74 15.22
CA LYS A 393 -14.37 -26.72 14.24
C LYS A 393 -13.63 -26.95 12.92
N LEU A 394 -12.31 -27.28 13.00
CA LEU A 394 -11.45 -27.55 11.86
C LEU A 394 -11.84 -28.83 11.11
N LEU A 395 -12.23 -29.89 11.85
CA LEU A 395 -12.66 -31.16 11.28
C LEU A 395 -13.94 -31.01 10.44
N ASN A 396 -14.88 -30.17 10.91
CA ASN A 396 -16.14 -29.89 10.23
C ASN A 396 -15.93 -28.97 9.02
N ASP A 397 -14.91 -28.07 9.11
CA ASP A 397 -14.50 -27.15 8.05
C ASP A 397 -13.93 -27.96 6.88
N LYS A 398 -13.15 -29.03 7.20
CA LYS A 398 -12.54 -29.94 6.22
C LYS A 398 -13.65 -30.72 5.50
N ALA A 399 -14.64 -31.24 6.26
CA ALA A 399 -15.77 -32.01 5.76
C ALA A 399 -16.65 -31.23 4.76
N VAL A 400 -16.95 -29.95 5.08
CA VAL A 400 -17.77 -29.07 4.23
C VAL A 400 -17.01 -28.67 2.96
N ALA A 401 -15.71 -28.36 3.08
CA ALA A 401 -14.86 -27.97 1.95
C ALA A 401 -14.60 -29.14 1.00
N THR A 402 -14.47 -30.38 1.53
CA THR A 402 -14.27 -31.62 0.74
C THR A 402 -15.50 -31.83 -0.15
N SER A 403 -16.70 -31.67 0.45
CA SER A 403 -17.99 -31.83 -0.23
C SER A 403 -18.18 -30.78 -1.31
N GLN A 404 -17.98 -29.49 -0.97
CA GLN A 404 -18.12 -28.35 -1.88
C GLN A 404 -17.16 -28.46 -3.07
N LEU A 405 -15.88 -28.86 -2.82
CA LEU A 405 -14.85 -29.02 -3.86
C LEU A 405 -15.22 -30.12 -4.88
N GLN A 406 -15.78 -31.26 -4.40
CA GLN A 406 -16.21 -32.36 -5.25
C GLN A 406 -17.34 -31.91 -6.19
N LYS A 407 -18.34 -31.18 -5.65
CA LYS A 407 -19.48 -30.65 -6.41
C LYS A 407 -19.02 -29.61 -7.45
N LYS A 408 -18.14 -28.68 -7.04
CA LYS A 408 -17.63 -27.62 -7.91
C LYS A 408 -16.68 -28.14 -9.00
N LEU A 409 -15.89 -29.19 -8.72
CA LEU A 409 -14.98 -29.77 -9.73
C LEU A 409 -15.75 -30.52 -10.81
N GLY A 410 -16.89 -31.11 -10.42
CA GLY A 410 -17.79 -31.83 -11.32
C GLY A 410 -18.47 -30.89 -12.31
N GLN A 411 -18.84 -29.68 -11.82
CA GLN A 411 -19.46 -28.63 -12.64
C GLN A 411 -18.40 -28.01 -13.57
N LEU A 412 -17.15 -27.87 -13.08
CA LEU A 412 -16.04 -27.34 -13.86
C LEU A 412 -15.70 -28.28 -15.01
N LEU A 413 -15.69 -29.59 -14.72
CA LEU A 413 -15.42 -30.65 -15.70
C LEU A 413 -16.47 -30.60 -16.82
N TYR A 414 -17.74 -30.34 -16.45
CA TYR A 414 -18.85 -30.21 -17.38
C TYR A 414 -18.63 -29.03 -18.34
N LEU A 415 -18.25 -27.85 -17.81
CA LEU A 415 -18.01 -26.64 -18.62
C LEU A 415 -16.82 -26.80 -19.57
N THR A 416 -15.79 -27.54 -19.13
CA THR A 416 -14.57 -27.86 -19.88
C THR A 416 -14.89 -28.83 -21.04
N ASN A 417 -15.77 -29.82 -20.78
CA ASN A 417 -16.16 -30.85 -21.75
C ASN A 417 -17.07 -30.35 -22.88
N LEU A 418 -17.56 -29.09 -22.81
CA LEU A 418 -18.39 -28.49 -23.87
C LEU A 418 -17.55 -28.14 -25.10
N GLU A 419 -16.28 -27.75 -24.88
N GLU A 419 -16.28 -27.75 -24.88
CA GLU A 419 -15.32 -27.40 -25.94
CA GLU A 419 -15.30 -27.38 -25.91
C GLU A 419 -14.59 -28.63 -26.49
C GLU A 419 -14.60 -28.63 -26.49
N LYS A 420 -14.67 -29.78 -25.76
CA LYS A 420 -14.07 -31.09 -26.09
C LYS A 420 -12.56 -31.03 -26.20
#